data_6SCE
#
_entry.id   6SCE
#
_cell.length_a   84.370
_cell.length_b   84.520
_cell.length_c   123.100
_cell.angle_alpha   90.00
_cell.angle_beta   90.00
_cell.angle_gamma   90.00
#
_symmetry.space_group_name_H-M   'P 21 21 21'
#
loop_
_entity.id
_entity.type
_entity.pdbx_description
1 polymer 'Uncharacterized protein'
2 polymer 'cyclic oligoadenylate'
3 water water
#
loop_
_entity_poly.entity_id
_entity_poly.type
_entity_poly.pdbx_seq_one_letter_code
_entity_poly.pdbx_strand_id
1 'polypeptide(L)'
;(MSE)EAPVYLCLLGNDPAPAYLGLKVVEREAGRVAKAVFYSFPAWNEEYGKKRQAFFRLLSEKGVLYEERPLEKGLEEA
EAREVWVNLTGGAKYWAVRFLGHWRRPGARVFLVEGHRALEAPRALFLWPREEERSLEAEALTLEEYARLYLEPLGEAWE
RVSPPGAFPPGAQAARLPGREGGVFVVHRGLPYWYWVRPHLGGEAKD(MSE)SRKALSAFSGEAKRLGGQLCLPVVPYHK
AHLRSRHPKERENVFARWRAWAREYGVFLVDPGRPLEEEVASLIKGKASKKALPLPQEGPLLLALVSEQAVPLYAAYLHA
GPREVYLLTTPE(MSE)ESRLRWAEAFFRGKGVRVHRSFLSGPWALREVRDLLAPVVEEALRRGHPVHANLNSGTTA
(MSE)ALGLYLALRDGARAHYLDGDRLLLLDGGEAEVPWEEGRPEDLLALRGYRFEEEYPDARPDPGLLALAEEILRRWD
EVQTSWEASPLVRRFLKFWKKRFGQAFPPKRLSRLKGLPLEYAVYSHLNAHLAPKGGQAR(MSE)GGHLVPLGGNEALAP
QSTEVDGVFFHRGALWFVECKPTDEGLRERAPI(MSE)AELVRSVGGVEARGL(MSE)VARRWRGAPPPASPNLVY
(MSE)ALEGGEGVGVYRFPEELEKALSRNPAPRRGLE
;
A
2 'polyribonucleotide' AAAA B
#
# COMPACT_ATOMS: atom_id res chain seq x y z
N ALA A 3 27.14 0.55 -29.19
CA ALA A 3 25.73 0.27 -28.78
C ALA A 3 25.44 0.88 -27.39
N PRO A 4 24.21 1.32 -27.16
CA PRO A 4 23.89 1.97 -25.88
C PRO A 4 23.84 0.99 -24.69
N VAL A 5 23.97 1.53 -23.48
CA VAL A 5 23.92 0.72 -22.28
C VAL A 5 22.63 1.12 -21.53
N TYR A 6 21.94 0.11 -21.02
CA TYR A 6 20.73 0.30 -20.24
C TYR A 6 21.10 0.26 -18.81
N LEU A 7 20.83 1.37 -18.10
CA LEU A 7 20.99 1.46 -16.63
C LEU A 7 19.61 1.54 -15.98
N CYS A 8 19.34 0.68 -15.03
CA CYS A 8 17.95 0.49 -14.58
C CYS A 8 17.84 0.16 -13.10
N LEU A 9 17.13 1.00 -12.37
CA LEU A 9 16.74 0.66 -11.00
C LEU A 9 15.80 -0.53 -11.09
N LEU A 10 16.02 -1.52 -10.23
CA LEU A 10 15.23 -2.74 -10.23
C LEU A 10 14.66 -3.05 -8.85
N GLY A 11 13.35 -2.90 -8.70
CA GLY A 11 12.64 -3.28 -7.48
C GLY A 11 11.96 -4.62 -7.62
N ASN A 12 10.87 -4.81 -6.90
CA ASN A 12 10.19 -6.07 -6.91
C ASN A 12 9.70 -6.50 -8.27
N ASP A 13 9.07 -5.59 -8.99
CA ASP A 13 8.42 -5.97 -10.22
C ASP A 13 9.30 -5.81 -11.47
N PRO A 14 9.51 -6.88 -12.22
CA PRO A 14 10.39 -6.79 -13.40
C PRO A 14 9.72 -6.12 -14.59
N ALA A 15 8.41 -5.99 -14.55
CA ALA A 15 7.71 -5.48 -15.76
C ALA A 15 8.11 -4.06 -16.20
N PRO A 16 8.23 -3.09 -15.28
CA PRO A 16 8.66 -1.77 -15.77
C PRO A 16 10.10 -1.76 -16.23
N ALA A 17 10.94 -2.63 -15.67
CA ALA A 17 12.34 -2.76 -16.10
C ALA A 17 12.40 -3.31 -17.53
N TYR A 18 11.59 -4.32 -17.77
CA TYR A 18 11.48 -4.92 -19.10
C TYR A 18 10.88 -3.95 -20.11
N LEU A 19 9.82 -3.27 -19.73
CA LEU A 19 9.26 -2.27 -20.58
C LEU A 19 10.28 -1.21 -21.00
N GLY A 20 11.10 -0.74 -20.04
CA GLY A 20 12.11 0.27 -20.35
C GLY A 20 13.15 -0.25 -21.34
N LEU A 21 13.52 -1.53 -21.22
CA LEU A 21 14.41 -2.17 -22.18
C LEU A 21 13.79 -2.17 -23.59
N LYS A 22 12.49 -2.50 -23.68
CA LYS A 22 11.81 -2.51 -25.00
C LYS A 22 11.83 -1.11 -25.59
N VAL A 23 11.67 -0.08 -24.76
CA VAL A 23 11.73 1.30 -25.22
C VAL A 23 13.10 1.62 -25.80
N VAL A 24 14.16 1.27 -25.07
CA VAL A 24 15.52 1.54 -25.53
C VAL A 24 15.80 0.80 -26.85
N GLU A 25 15.48 -0.48 -26.88
CA GLU A 25 15.68 -1.28 -28.08
C GLU A 25 14.96 -0.73 -29.28
N ARG A 26 13.73 -0.25 -29.12
CA ARG A 26 12.97 0.30 -30.24
CA ARG A 26 12.97 0.27 -30.25
C ARG A 26 13.61 1.57 -30.78
N GLU A 27 14.08 2.42 -29.86
CA GLU A 27 14.66 3.70 -30.27
C GLU A 27 16.11 3.62 -30.72
N ALA A 28 16.90 2.81 -30.03
CA ALA A 28 18.34 2.81 -30.20
C ALA A 28 18.90 1.51 -30.74
N GLY A 29 18.07 0.48 -30.88
CA GLY A 29 18.59 -0.82 -31.31
C GLY A 29 19.15 -1.68 -30.21
N ARG A 30 19.94 -2.66 -30.60
CA ARG A 30 20.48 -3.61 -29.69
C ARG A 30 21.31 -2.95 -28.58
N VAL A 31 21.15 -3.36 -27.32
CA VAL A 31 21.94 -2.77 -26.24
C VAL A 31 23.21 -3.57 -26.01
N ALA A 32 24.30 -2.92 -25.63
CA ALA A 32 25.54 -3.63 -25.33
C ALA A 32 25.38 -4.48 -24.09
N LYS A 33 24.66 -3.95 -23.09
CA LYS A 33 24.45 -4.69 -21.86
C LYS A 33 23.46 -3.89 -21.00
N ALA A 34 22.97 -4.53 -19.97
CA ALA A 34 22.05 -3.86 -19.05
C ALA A 34 22.67 -3.97 -17.68
N VAL A 35 22.59 -2.89 -16.91
CA VAL A 35 23.06 -2.89 -15.55
C VAL A 35 21.86 -2.60 -14.65
N PHE A 36 21.61 -3.47 -13.71
CA PHE A 36 20.50 -3.31 -12.79
C PHE A 36 20.98 -2.95 -11.40
N TYR A 37 20.47 -1.87 -10.88
CA TYR A 37 20.76 -1.45 -9.50
C TYR A 37 19.60 -1.95 -8.67
N SER A 38 19.81 -3.13 -8.11
CA SER A 38 18.73 -3.89 -7.61
C SER A 38 18.59 -3.76 -6.11
N PHE A 39 17.34 -3.78 -5.71
CA PHE A 39 16.96 -3.90 -4.32
C PHE A 39 16.59 -5.33 -4.03
N PRO A 40 16.80 -5.79 -2.78
CA PRO A 40 16.41 -7.15 -2.43
C PRO A 40 14.93 -7.36 -2.66
N ALA A 41 14.57 -8.47 -3.29
CA ALA A 41 13.17 -8.81 -3.49
C ALA A 41 12.45 -8.96 -2.16
N TRP A 42 11.23 -8.44 -2.05
CA TRP A 42 10.52 -8.45 -0.76
C TRP A 42 10.06 -9.85 -0.35
N ASN A 43 9.92 -10.76 -1.30
CA ASN A 43 9.49 -12.13 -0.98
C ASN A 43 9.98 -13.07 -2.06
N GLU A 44 9.76 -14.36 -1.83
CA GLU A 44 10.24 -15.40 -2.75
C GLU A 44 9.60 -15.35 -4.11
N GLU A 45 8.33 -15.01 -4.16
CA GLU A 45 7.65 -14.88 -5.45
C GLU A 45 8.27 -13.79 -6.33
N TYR A 46 8.54 -12.62 -5.75
CA TYR A 46 9.24 -11.59 -6.51
C TYR A 46 10.64 -12.04 -6.90
N GLY A 47 11.30 -12.79 -6.02
CA GLY A 47 12.58 -13.36 -6.35
C GLY A 47 12.49 -14.23 -7.60
N LYS A 48 11.46 -15.05 -7.66
CA LYS A 48 11.23 -15.91 -8.83
C LYS A 48 10.90 -15.12 -10.10
N LYS A 49 10.12 -14.05 -9.96
CA LYS A 49 9.81 -13.20 -11.10
C LYS A 49 11.05 -12.50 -11.63
N ARG A 50 11.95 -12.12 -10.72
CA ARG A 50 13.17 -11.51 -11.12
C ARG A 50 14.06 -12.52 -11.89
N GLN A 51 14.11 -13.76 -11.43
CA GLN A 51 14.88 -14.78 -12.16
C GLN A 51 14.25 -15.05 -13.52
N ALA A 52 12.93 -14.99 -13.62
CA ALA A 52 12.25 -15.12 -14.91
C ALA A 52 12.62 -13.97 -15.86
N PHE A 53 12.75 -12.77 -15.31
CA PHE A 53 13.16 -11.63 -16.08
C PHE A 53 14.60 -11.84 -16.60
N PHE A 54 15.48 -12.29 -15.74
CA PHE A 54 16.86 -12.54 -16.13
C PHE A 54 16.98 -13.65 -17.20
N ARG A 55 16.12 -14.65 -17.11
CA ARG A 55 16.00 -15.67 -18.16
C ARG A 55 15.57 -15.07 -19.49
N LEU A 56 14.61 -14.17 -19.48
CA LEU A 56 14.21 -13.47 -20.66
C LEU A 56 15.36 -12.63 -21.22
N LEU A 57 16.06 -11.89 -20.37
CA LEU A 57 17.21 -11.14 -20.87
C LEU A 57 18.20 -12.07 -21.57
N SER A 58 18.50 -13.20 -20.94
CA SER A 58 19.43 -14.14 -21.55
C SER A 58 18.92 -14.61 -22.93
N GLU A 59 17.64 -14.93 -23.05
CA GLU A 59 17.07 -15.29 -24.36
C GLU A 59 17.11 -14.18 -25.37
N LYS A 60 17.05 -12.94 -24.88
CA LYS A 60 17.12 -11.80 -25.72
C LYS A 60 18.58 -11.49 -26.17
N GLY A 61 19.53 -12.25 -25.68
CA GLY A 61 20.94 -12.00 -25.96
C GLY A 61 21.49 -10.77 -25.27
N VAL A 62 20.83 -10.36 -24.17
CA VAL A 62 21.25 -9.17 -23.45
C VAL A 62 22.07 -9.58 -22.25
N LEU A 63 23.35 -9.24 -22.28
CA LEU A 63 24.21 -9.44 -21.13
C LEU A 63 23.78 -8.48 -20.01
N TYR A 64 23.75 -8.92 -18.77
CA TYR A 64 23.35 -8.04 -17.67
C TYR A 64 24.24 -8.27 -16.46
N GLU A 65 24.24 -7.29 -15.56
CA GLU A 65 24.85 -7.43 -14.26
C GLU A 65 24.01 -6.68 -13.24
N GLU A 66 24.17 -7.04 -11.97
CA GLU A 66 23.53 -6.32 -10.87
C GLU A 66 24.60 -5.60 -10.08
N ARG A 67 24.33 -4.36 -9.68
CA ARG A 67 25.29 -3.59 -8.93
C ARG A 67 24.59 -2.93 -7.75
N PRO A 68 25.33 -2.66 -6.66
CA PRO A 68 24.76 -1.87 -5.56
C PRO A 68 24.33 -0.51 -6.04
N LEU A 69 23.32 0.06 -5.39
CA LEU A 69 22.78 1.36 -5.80
C LEU A 69 23.81 2.47 -5.89
N GLU A 70 24.72 2.50 -4.91
CA GLU A 70 25.76 3.52 -4.84
C GLU A 70 26.67 3.51 -6.06
N LYS A 71 26.91 2.33 -6.62
CA LYS A 71 27.73 2.20 -7.82
C LYS A 71 27.10 2.86 -9.03
N GLY A 72 25.79 3.11 -8.98
CA GLY A 72 25.14 3.85 -10.03
C GLY A 72 25.43 5.33 -10.00
N LEU A 73 26.00 5.81 -8.90
CA LEU A 73 26.46 7.20 -8.79
C LEU A 73 27.95 7.34 -9.13
N GLU A 74 28.29 7.00 -10.36
CA GLU A 74 29.67 7.09 -10.89
C GLU A 74 29.58 7.47 -12.36
N GLU A 75 30.72 7.82 -12.95
CA GLU A 75 30.72 8.16 -14.36
C GLU A 75 30.36 6.94 -15.22
N ALA A 76 29.69 7.19 -16.34
CA ALA A 76 29.41 6.12 -17.30
C ALA A 76 30.70 5.68 -17.99
N GLU A 77 30.76 4.41 -18.35
CA GLU A 77 31.86 3.89 -19.19
C GLU A 77 31.48 4.00 -20.67
N ALA A 78 30.21 3.74 -20.99
CA ALA A 78 29.74 3.84 -22.37
C ALA A 78 29.46 5.28 -22.80
N ARG A 79 29.53 5.50 -24.11
CA ARG A 79 29.22 6.80 -24.72
C ARG A 79 27.75 7.21 -24.54
N GLU A 80 26.83 6.25 -24.55
CA GLU A 80 25.41 6.57 -24.48
C GLU A 80 24.71 5.62 -23.50
N VAL A 81 24.11 6.17 -22.46
CA VAL A 81 23.38 5.35 -21.50
C VAL A 81 21.92 5.80 -21.50
N TRP A 82 21.04 4.84 -21.27
CA TRP A 82 19.62 5.08 -21.10
C TRP A 82 19.31 4.68 -19.68
N VAL A 83 18.79 5.61 -18.91
CA VAL A 83 18.60 5.38 -17.48
C VAL A 83 17.12 5.37 -17.11
N ASN A 84 16.63 4.21 -16.64
CA ASN A 84 15.22 4.05 -16.26
C ASN A 84 15.11 4.22 -14.76
N LEU A 85 14.36 5.24 -14.30
CA LEU A 85 14.21 5.55 -12.87
C LEU A 85 12.92 5.08 -12.21
N THR A 86 12.13 4.31 -12.93
CA THR A 86 10.83 3.84 -12.41
C THR A 86 10.96 2.84 -11.26
N GLY A 87 11.98 1.99 -11.35
CA GLY A 87 12.12 0.91 -10.42
C GLY A 87 12.45 1.32 -9.00
N GLY A 88 11.94 0.52 -8.07
CA GLY A 88 12.33 0.64 -6.69
C GLY A 88 11.88 1.91 -6.02
N ALA A 89 12.50 2.21 -4.90
CA ALA A 89 12.12 3.33 -4.07
C ALA A 89 12.34 4.70 -4.79
N LYS A 90 11.35 5.59 -4.69
CA LYS A 90 11.45 6.88 -5.36
C LYS A 90 12.66 7.70 -4.88
N TYR A 91 13.09 7.44 -3.65
CA TYR A 91 14.30 8.03 -3.11
C TYR A 91 15.47 7.91 -4.08
N TRP A 92 15.69 6.72 -4.63
CA TRP A 92 16.79 6.47 -5.52
C TRP A 92 16.56 7.07 -6.89
N ALA A 93 15.31 7.15 -7.34
CA ALA A 93 15.01 7.90 -8.55
C ALA A 93 15.48 9.33 -8.40
N VAL A 94 15.19 9.92 -7.26
CA VAL A 94 15.58 11.30 -7.04
C VAL A 94 17.11 11.46 -7.08
N ARG A 95 17.81 10.57 -6.39
CA ARG A 95 19.29 10.63 -6.35
C ARG A 95 19.94 10.35 -7.72
N PHE A 96 19.43 9.36 -8.43
CA PHE A 96 19.90 9.09 -9.78
C PHE A 96 19.59 10.23 -10.72
N LEU A 97 18.43 10.87 -10.59
CA LEU A 97 18.13 11.96 -11.49
C LEU A 97 19.14 13.09 -11.30
N GLY A 98 19.50 13.38 -10.04
CA GLY A 98 20.53 14.43 -9.78
C GLY A 98 21.85 14.13 -10.51
N HIS A 99 22.26 12.88 -10.47
CA HIS A 99 23.54 12.45 -11.00
C HIS A 99 23.55 12.32 -12.53
N TRP A 100 22.44 11.82 -13.10
CA TRP A 100 22.43 11.39 -14.49
C TRP A 100 21.95 12.45 -15.47
N ARG A 101 21.64 13.64 -14.98
CA ARG A 101 21.41 14.75 -15.88
C ARG A 101 22.78 15.25 -16.35
N ARG A 102 23.33 14.52 -17.31
CA ARG A 102 24.66 14.81 -17.82
C ARG A 102 24.74 14.42 -19.29
N PRO A 103 25.78 14.91 -20.00
CA PRO A 103 25.95 14.49 -21.38
C PRO A 103 26.20 13.01 -21.48
N GLY A 104 25.71 12.43 -22.57
CA GLY A 104 25.87 11.00 -22.81
C GLY A 104 24.77 10.17 -22.14
N ALA A 105 23.74 10.81 -21.61
CA ALA A 105 22.67 10.11 -20.83
C ALA A 105 21.31 10.52 -21.26
N ARG A 106 20.40 9.55 -21.38
CA ARG A 106 18.99 9.84 -21.58
C ARG A 106 18.33 9.25 -20.34
N VAL A 107 17.50 10.04 -19.66
CA VAL A 107 16.89 9.60 -18.41
C VAL A 107 15.38 9.59 -18.59
N PHE A 108 14.74 8.50 -18.16
CA PHE A 108 13.32 8.37 -18.36
C PHE A 108 12.65 7.52 -17.29
N LEU A 109 11.33 7.54 -17.31
CA LEU A 109 10.46 6.73 -16.43
C LEU A 109 9.47 6.03 -17.35
N VAL A 110 8.87 4.95 -16.88
CA VAL A 110 7.72 4.35 -17.55
C VAL A 110 6.56 4.40 -16.56
N GLU A 111 5.45 4.95 -17.01
CA GLU A 111 4.35 5.31 -16.15
C GLU A 111 3.07 4.63 -16.65
N GLY A 112 2.58 3.66 -15.89
CA GLY A 112 1.41 2.89 -16.28
C GLY A 112 0.33 2.80 -15.25
N HIS A 113 0.11 3.90 -14.54
CA HIS A 113 -0.75 3.87 -13.40
C HIS A 113 -2.18 4.36 -13.66
N ARG A 114 -2.50 4.70 -14.90
CA ARG A 114 -3.90 5.02 -15.23
C ARG A 114 -4.60 3.84 -15.91
N ALA A 115 -5.65 3.34 -15.28
CA ALA A 115 -6.41 2.20 -15.79
C ALA A 115 -6.91 2.44 -17.20
N LEU A 116 -6.81 1.38 -18.00
CA LEU A 116 -7.22 1.30 -19.38
C LEU A 116 -6.41 2.16 -20.36
N GLU A 117 -5.30 2.75 -19.92
CA GLU A 117 -4.41 3.44 -20.86
C GLU A 117 -3.16 2.62 -21.12
N ALA A 118 -2.48 2.87 -22.21
CA ALA A 118 -1.16 2.29 -22.39
C ALA A 118 -0.20 3.06 -21.50
N PRO A 119 0.87 2.42 -21.05
CA PRO A 119 1.91 3.17 -20.30
C PRO A 119 2.53 4.27 -21.15
N ARG A 120 3.12 5.27 -20.49
CA ARG A 120 3.82 6.36 -21.14
C ARG A 120 5.29 6.34 -20.76
N ALA A 121 6.16 6.71 -21.69
CA ALA A 121 7.54 7.04 -21.36
C ALA A 121 7.61 8.52 -21.07
N LEU A 122 8.19 8.89 -19.94
CA LEU A 122 8.48 10.30 -19.66
C LEU A 122 9.95 10.48 -19.70
N PHE A 123 10.44 11.20 -20.71
CA PHE A 123 11.86 11.50 -20.79
C PHE A 123 12.09 12.77 -20.01
N LEU A 124 13.07 12.73 -19.14
CA LEU A 124 13.39 13.84 -18.25
C LEU A 124 14.65 14.58 -18.69
N TRP A 125 15.51 13.91 -19.45
CA TRP A 125 16.82 14.45 -19.83
C TRP A 125 17.31 13.72 -21.09
N PRO A 126 17.92 14.40 -22.06
CA PRO A 126 18.27 15.83 -22.02
C PRO A 126 17.08 16.76 -22.31
N ARG A 127 15.98 16.21 -22.81
CA ARG A 127 14.82 17.02 -23.13
C ARG A 127 13.59 16.40 -22.52
N GLU A 128 12.69 17.24 -22.03
CA GLU A 128 11.40 16.76 -21.55
C GLU A 128 10.47 16.41 -22.69
N GLU A 129 10.08 15.14 -22.75
CA GLU A 129 9.27 14.62 -23.83
C GLU A 129 8.45 13.51 -23.21
N GLU A 130 7.27 13.28 -23.74
CA GLU A 130 6.46 12.16 -23.28
C GLU A 130 5.94 11.45 -24.53
N ARG A 131 5.84 10.13 -24.52
CA ARG A 131 5.22 9.38 -25.61
CA ARG A 131 5.13 9.42 -25.57
C ARG A 131 4.46 8.16 -25.08
N SER A 132 3.39 7.80 -25.76
CA SER A 132 2.60 6.65 -25.45
C SER A 132 3.35 5.42 -25.88
N LEU A 133 3.33 4.39 -25.04
CA LEU A 133 4.03 3.14 -25.32
C LEU A 133 3.13 2.04 -25.84
N GLU A 134 2.27 2.40 -26.81
CA GLU A 134 1.36 1.43 -27.41
C GLU A 134 2.11 0.28 -27.99
N ALA A 135 3.19 0.57 -28.71
CA ALA A 135 3.93 -0.46 -29.43
C ALA A 135 4.76 -1.35 -28.52
N GLU A 136 5.39 -0.72 -27.52
CA GLU A 136 6.28 -1.41 -26.58
C GLU A 136 5.55 -2.13 -25.44
N ALA A 137 4.27 -1.79 -25.24
CA ALA A 137 3.44 -2.44 -24.20
C ALA A 137 3.63 -3.93 -24.07
N LEU A 138 3.79 -4.42 -22.84
CA LEU A 138 3.97 -5.85 -22.68
C LEU A 138 2.72 -6.61 -23.19
N THR A 139 2.99 -7.74 -23.81
CA THR A 139 1.95 -8.63 -24.30
C THR A 139 1.56 -9.59 -23.21
N LEU A 140 0.48 -10.31 -23.44
CA LEU A 140 0.06 -11.34 -22.51
C LEU A 140 1.15 -12.37 -22.35
N GLU A 141 1.79 -12.74 -23.46
CA GLU A 141 2.81 -13.77 -23.39
C GLU A 141 4.01 -13.30 -22.56
N GLU A 142 4.34 -12.03 -22.71
CA GLU A 142 5.46 -11.43 -21.90
C GLU A 142 5.09 -11.45 -20.40
N TYR A 143 3.86 -11.04 -20.05
CA TYR A 143 3.42 -11.16 -18.67
C TYR A 143 3.40 -12.60 -18.17
N ALA A 144 3.01 -13.54 -19.02
CA ALA A 144 2.98 -14.93 -18.62
C ALA A 144 4.36 -15.44 -18.29
N ARG A 145 5.36 -15.07 -19.08
CA ARG A 145 6.68 -15.61 -18.78
C ARG A 145 7.34 -14.88 -17.56
N LEU A 146 6.96 -13.63 -17.31
CA LEU A 146 7.49 -12.86 -16.16
C LEU A 146 6.77 -13.10 -14.85
N TYR A 147 5.46 -13.38 -14.91
CA TYR A 147 4.62 -13.51 -13.71
C TYR A 147 4.09 -14.93 -13.51
N LEU A 148 3.49 -15.49 -14.55
CA LEU A 148 2.76 -16.74 -14.35
C LEU A 148 3.67 -17.96 -14.32
N GLU A 149 4.56 -18.05 -15.29
CA GLU A 149 5.50 -19.17 -15.32
C GLU A 149 6.30 -19.30 -14.02
N PRO A 150 6.94 -18.21 -13.55
CA PRO A 150 7.69 -18.41 -12.30
C PRO A 150 6.86 -18.76 -11.07
N LEU A 151 5.57 -18.41 -11.07
CA LEU A 151 4.70 -18.76 -9.95
C LEU A 151 4.09 -20.18 -10.12
N GLY A 152 4.43 -20.89 -11.18
CA GLY A 152 3.93 -22.23 -11.44
C GLY A 152 2.47 -22.25 -11.88
N GLU A 153 2.00 -21.17 -12.48
CA GLU A 153 0.60 -21.07 -12.87
C GLU A 153 0.50 -21.45 -14.34
N ALA A 154 -0.18 -22.56 -14.62
CA ALA A 154 -0.51 -22.90 -15.97
C ALA A 154 -1.61 -21.99 -16.49
N TRP A 155 -1.62 -21.77 -17.78
CA TRP A 155 -2.59 -20.87 -18.35
C TRP A 155 -2.90 -21.26 -19.77
N GLU A 156 -4.04 -20.79 -20.24
CA GLU A 156 -4.45 -20.97 -21.62
C GLU A 156 -5.21 -19.75 -22.09
N ARG A 157 -5.01 -19.40 -23.36
CA ARG A 157 -5.61 -18.23 -23.93
C ARG A 157 -7.11 -18.43 -24.10
N VAL A 158 -7.87 -17.38 -23.80
CA VAL A 158 -9.32 -17.43 -23.94
C VAL A 158 -9.76 -16.12 -24.47
N SER A 159 -10.99 -16.09 -24.97
CA SER A 159 -11.54 -14.86 -25.44
C SER A 159 -11.61 -13.88 -24.25
N PRO A 160 -11.26 -12.60 -24.46
CA PRO A 160 -11.32 -11.69 -23.31
C PRO A 160 -12.74 -11.26 -22.95
N PRO A 161 -12.96 -10.80 -21.71
CA PRO A 161 -14.30 -10.35 -21.36
C PRO A 161 -14.74 -9.21 -22.25
N GLY A 162 -16.03 -9.22 -22.62
CA GLY A 162 -16.53 -8.24 -23.53
C GLY A 162 -16.47 -6.84 -22.97
N ALA A 163 -16.38 -6.70 -21.65
CA ALA A 163 -16.33 -5.40 -21.01
C ALA A 163 -15.05 -4.58 -21.29
N PHE A 164 -13.98 -5.24 -21.69
CA PHE A 164 -12.73 -4.57 -22.05
C PHE A 164 -12.81 -3.92 -23.43
N PRO A 165 -12.07 -2.81 -23.65
CA PRO A 165 -11.99 -2.28 -24.98
C PRO A 165 -11.29 -3.24 -25.94
N PRO A 166 -11.41 -2.97 -27.26
CA PRO A 166 -10.80 -3.84 -28.25
C PRO A 166 -9.30 -3.98 -28.05
N GLY A 167 -8.76 -5.18 -28.32
CA GLY A 167 -7.33 -5.36 -28.26
C GLY A 167 -6.85 -6.11 -27.05
N ALA A 168 -7.70 -6.29 -26.04
CA ALA A 168 -7.32 -7.05 -24.86
C ALA A 168 -7.01 -8.50 -25.20
N GLN A 169 -6.07 -9.07 -24.48
CA GLN A 169 -5.77 -10.49 -24.56
C GLN A 169 -6.03 -11.09 -23.17
N ALA A 170 -6.44 -12.35 -23.12
CA ALA A 170 -6.80 -12.96 -21.84
C ALA A 170 -6.36 -14.40 -21.72
N ALA A 171 -6.15 -14.81 -20.49
CA ALA A 171 -5.80 -16.19 -20.18
C ALA A 171 -6.58 -16.69 -18.99
N ARG A 172 -7.02 -17.93 -19.07
CA ARG A 172 -7.58 -18.62 -17.94
C ARG A 172 -6.48 -19.41 -17.28
N LEU A 173 -6.50 -19.44 -15.96
CA LEU A 173 -5.55 -20.20 -15.17
C LEU A 173 -6.31 -21.39 -14.59
N PRO A 174 -6.12 -22.58 -15.17
CA PRO A 174 -6.96 -23.70 -14.70
C PRO A 174 -6.80 -23.96 -13.20
N GLY A 175 -5.63 -23.68 -12.64
CA GLY A 175 -5.40 -23.78 -11.20
C GLY A 175 -5.96 -22.66 -10.32
N ARG A 176 -6.63 -21.66 -10.91
CA ARG A 176 -7.13 -20.52 -10.15
C ARG A 176 -8.54 -20.22 -10.58
N GLU A 177 -9.49 -20.83 -9.88
CA GLU A 177 -10.90 -20.67 -10.16
C GLU A 177 -11.30 -19.20 -9.92
N GLY A 178 -12.24 -18.69 -10.69
CA GLY A 178 -12.92 -17.44 -10.33
C GLY A 178 -12.43 -16.15 -10.97
N GLY A 179 -11.36 -16.25 -11.75
CA GLY A 179 -10.81 -15.10 -12.41
C GLY A 179 -10.27 -15.37 -13.78
N VAL A 180 -10.12 -14.30 -14.56
CA VAL A 180 -9.45 -14.34 -15.85
CA VAL A 180 -9.35 -14.41 -15.79
C VAL A 180 -8.33 -13.30 -15.81
N PHE A 181 -7.14 -13.67 -16.30
CA PHE A 181 -6.00 -12.75 -16.32
C PHE A 181 -6.02 -12.03 -17.65
N VAL A 182 -6.26 -10.72 -17.62
CA VAL A 182 -6.43 -9.95 -18.84
C VAL A 182 -5.25 -8.96 -18.96
N VAL A 183 -4.65 -8.91 -20.13
CA VAL A 183 -3.62 -7.89 -20.47
C VAL A 183 -4.16 -7.00 -21.55
N HIS A 184 -4.26 -5.73 -21.22
CA HIS A 184 -4.80 -4.74 -22.11
C HIS A 184 -3.89 -3.53 -22.13
N ARG A 185 -3.39 -3.22 -23.33
CA ARG A 185 -2.50 -2.09 -23.60
C ARG A 185 -1.34 -2.07 -22.58
N GLY A 186 -0.77 -3.23 -22.36
CA GLY A 186 0.42 -3.34 -21.53
C GLY A 186 0.22 -3.46 -20.03
N LEU A 187 -1.03 -3.51 -19.55
CA LEU A 187 -1.30 -3.59 -18.14
C LEU A 187 -2.12 -4.81 -17.77
N PRO A 188 -1.88 -5.38 -16.57
CA PRO A 188 -2.56 -6.57 -16.11
C PRO A 188 -3.79 -6.27 -15.29
N TYR A 189 -4.78 -7.14 -15.45
CA TYR A 189 -6.07 -7.07 -14.77
C TYR A 189 -6.46 -8.49 -14.38
N TRP A 190 -7.02 -8.65 -13.19
CA TRP A 190 -7.52 -9.94 -12.71
C TRP A 190 -9.04 -9.71 -12.60
N TYR A 191 -9.78 -10.39 -13.46
CA TYR A 191 -11.18 -10.09 -13.71
C TYR A 191 -12.05 -11.24 -13.23
N TRP A 192 -12.99 -10.91 -12.36
CA TRP A 192 -13.83 -11.89 -11.64
C TRP A 192 -14.85 -12.48 -12.59
N VAL A 193 -14.91 -13.80 -12.63
CA VAL A 193 -15.88 -14.51 -13.46
C VAL A 193 -16.49 -15.60 -12.58
N ARG A 194 -17.77 -15.83 -12.77
CA ARG A 194 -18.47 -16.91 -12.06
C ARG A 194 -19.24 -17.61 -13.16
N PRO A 195 -18.55 -18.43 -13.97
CA PRO A 195 -19.17 -19.03 -15.16
C PRO A 195 -20.11 -20.21 -14.87
N HIS A 196 -20.01 -20.81 -13.68
CA HIS A 196 -20.85 -21.96 -13.32
C HIS A 196 -22.30 -21.51 -13.12
N LEU A 197 -23.26 -22.31 -13.60
CA LEU A 197 -24.69 -21.95 -13.59
C LEU A 197 -25.13 -21.25 -12.29
N GLY A 198 -25.77 -20.09 -12.44
CA GLY A 198 -26.26 -19.30 -11.30
C GLY A 198 -25.20 -18.69 -10.38
N GLY A 199 -23.93 -18.71 -10.81
CA GLY A 199 -22.86 -18.11 -9.98
C GLY A 199 -23.12 -16.64 -9.73
N GLU A 200 -23.59 -15.93 -10.76
CA GLU A 200 -23.88 -14.50 -10.67
C GLU A 200 -25.18 -14.17 -9.90
N ALA A 201 -25.97 -15.19 -9.58
CA ALA A 201 -27.21 -15.02 -8.82
C ALA A 201 -27.01 -15.19 -7.31
N LYS A 202 -25.79 -15.54 -6.90
CA LYS A 202 -25.44 -15.68 -5.50
C LYS A 202 -24.90 -14.37 -4.89
N ASP A 203 -24.94 -14.31 -3.57
CA ASP A 203 -24.41 -13.19 -2.83
C ASP A 203 -22.88 -13.17 -2.97
N SER A 205 -19.26 -12.46 -1.01
CA SER A 205 -18.82 -12.39 0.39
C SER A 205 -17.63 -11.48 0.59
N ARG A 206 -17.53 -10.99 1.83
CA ARG A 206 -16.36 -10.25 2.26
C ARG A 206 -15.12 -11.12 2.07
N LYS A 207 -15.21 -12.41 2.41
CA LYS A 207 -14.09 -13.34 2.28
C LYS A 207 -13.64 -13.45 0.81
N ALA A 208 -14.59 -13.62 -0.12
CA ALA A 208 -14.22 -13.82 -1.53
C ALA A 208 -13.66 -12.52 -2.14
N LEU A 209 -14.24 -11.38 -1.79
CA LEU A 209 -13.75 -10.10 -2.29
C LEU A 209 -12.34 -9.80 -1.79
N SER A 210 -12.06 -10.06 -0.51
CA SER A 210 -10.74 -9.79 0.03
C SER A 210 -9.71 -10.70 -0.56
N ALA A 211 -10.06 -11.99 -0.68
CA ALA A 211 -9.13 -12.94 -1.25
C ALA A 211 -8.81 -12.63 -2.73
N PHE A 212 -9.79 -12.11 -3.46
CA PHE A 212 -9.63 -11.79 -4.87
C PHE A 212 -8.63 -10.65 -5.06
N SER A 213 -8.68 -9.67 -4.18
CA SER A 213 -7.75 -8.58 -4.19
C SER A 213 -6.31 -9.06 -3.92
N GLY A 214 -6.12 -9.87 -2.90
CA GLY A 214 -4.79 -10.45 -2.63
C GLY A 214 -4.29 -11.30 -3.79
N GLU A 215 -5.20 -12.04 -4.40
CA GLU A 215 -4.88 -12.90 -5.52
C GLU A 215 -4.40 -12.10 -6.73
N ALA A 216 -5.08 -10.99 -7.01
CA ALA A 216 -4.71 -10.08 -8.10
C ALA A 216 -3.29 -9.59 -7.90
N LYS A 217 -2.97 -9.24 -6.65
CA LYS A 217 -1.63 -8.66 -6.36
C LYS A 217 -0.54 -9.71 -6.46
N ARG A 218 -0.82 -10.93 -6.04
CA ARG A 218 0.16 -12.02 -6.23
C ARG A 218 0.42 -12.36 -7.69
N LEU A 219 -0.64 -12.54 -8.48
CA LEU A 219 -0.53 -12.86 -9.89
C LEU A 219 0.10 -11.77 -10.73
N GLY A 220 -0.38 -10.54 -10.56
CA GLY A 220 -0.06 -9.46 -11.47
C GLY A 220 0.68 -8.28 -10.88
N GLY A 221 1.00 -8.38 -9.61
CA GLY A 221 1.73 -7.33 -8.90
C GLY A 221 0.96 -6.12 -8.46
N GLN A 222 1.71 -5.12 -8.05
CA GLN A 222 1.20 -3.96 -7.36
C GLN A 222 0.14 -3.22 -8.14
N LEU A 223 0.25 -3.15 -9.46
CA LEU A 223 -0.76 -2.37 -10.16
C LEU A 223 -1.79 -3.21 -10.89
N CYS A 224 -1.79 -4.51 -10.64
CA CYS A 224 -2.81 -5.38 -11.22
C CYS A 224 -4.16 -5.03 -10.59
N LEU A 225 -5.10 -4.56 -11.40
CA LEU A 225 -6.37 -4.13 -10.89
C LEU A 225 -7.32 -5.32 -10.72
N PRO A 226 -7.88 -5.54 -9.51
CA PRO A 226 -8.91 -6.57 -9.36
C PRO A 226 -10.24 -5.98 -9.81
N VAL A 227 -10.74 -6.48 -10.92
CA VAL A 227 -11.95 -5.94 -11.52
C VAL A 227 -13.08 -6.91 -11.21
N VAL A 228 -14.11 -6.44 -10.51
CA VAL A 228 -15.17 -7.32 -10.04
C VAL A 228 -16.54 -6.81 -10.48
N PRO A 229 -17.12 -7.45 -11.51
CA PRO A 229 -18.49 -7.05 -11.93
C PRO A 229 -19.45 -7.59 -10.91
N TYR A 230 -20.22 -6.70 -10.30
CA TYR A 230 -21.07 -7.09 -9.21
C TYR A 230 -22.24 -7.97 -9.70
N HIS A 231 -22.75 -8.76 -8.79
CA HIS A 231 -23.77 -9.79 -9.08
C HIS A 231 -25.18 -9.17 -9.12
N LYS A 232 -25.46 -8.52 -10.23
CA LYS A 232 -26.70 -7.81 -10.43
C LYS A 232 -27.89 -8.76 -10.36
N ALA A 233 -27.74 -9.98 -10.85
CA ALA A 233 -28.81 -10.96 -10.78
C ALA A 233 -29.17 -11.27 -9.32
N HIS A 234 -28.18 -11.34 -8.44
CA HIS A 234 -28.50 -11.48 -7.03
C HIS A 234 -29.27 -10.26 -6.47
N LEU A 235 -28.85 -9.06 -6.84
CA LEU A 235 -29.54 -7.85 -6.39
C LEU A 235 -31.03 -7.85 -6.83
N ARG A 236 -31.27 -8.32 -8.06
CA ARG A 236 -32.63 -8.38 -8.58
C ARG A 236 -33.52 -9.38 -7.84
N SER A 237 -32.90 -10.33 -7.15
CA SER A 237 -33.60 -11.31 -6.33
C SER A 237 -33.95 -10.78 -4.92
N ARG A 238 -33.51 -9.57 -4.59
CA ARG A 238 -33.70 -9.01 -3.27
C ARG A 238 -34.95 -8.10 -3.23
N HIS A 239 -35.53 -8.01 -2.05
CA HIS A 239 -36.48 -6.94 -1.70
C HIS A 239 -35.78 -5.60 -1.95
N PRO A 240 -36.52 -4.57 -2.43
CA PRO A 240 -35.90 -3.27 -2.74
C PRO A 240 -35.06 -2.64 -1.64
N LYS A 241 -35.47 -2.80 -0.40
CA LYS A 241 -34.72 -2.26 0.72
C LYS A 241 -33.45 -3.08 0.97
N GLU A 242 -33.61 -4.39 1.05
CA GLU A 242 -32.48 -5.30 1.21
C GLU A 242 -31.47 -5.14 0.04
N ARG A 243 -31.98 -4.91 -1.16
CA ARG A 243 -31.14 -4.67 -2.31
C ARG A 243 -30.17 -3.51 -2.08
N GLU A 244 -30.67 -2.40 -1.53
CA GLU A 244 -29.82 -1.27 -1.21
C GLU A 244 -28.79 -1.66 -0.15
N ASN A 245 -29.20 -2.43 0.84
CA ASN A 245 -28.30 -2.84 1.92
C ASN A 245 -27.18 -3.75 1.38
N VAL A 246 -27.56 -4.71 0.55
CA VAL A 246 -26.62 -5.68 -0.03
C VAL A 246 -25.57 -4.98 -0.86
N PHE A 247 -26.05 -4.09 -1.73
CA PHE A 247 -25.17 -3.34 -2.61
C PHE A 247 -24.20 -2.43 -1.87
N ALA A 248 -24.71 -1.77 -0.84
CA ALA A 248 -23.87 -0.92 0.01
C ALA A 248 -22.76 -1.72 0.70
N ARG A 249 -23.09 -2.93 1.14
CA ARG A 249 -22.12 -3.84 1.74
C ARG A 249 -21.00 -4.20 0.76
N TRP A 250 -21.38 -4.59 -0.46
CA TRP A 250 -20.40 -4.88 -1.54
C TRP A 250 -19.50 -3.70 -1.87
N ARG A 251 -20.09 -2.52 -1.96
CA ARG A 251 -19.33 -1.33 -2.24
C ARG A 251 -18.32 -1.05 -1.10
N ALA A 252 -18.76 -1.19 0.13
CA ALA A 252 -17.91 -0.93 1.30
C ALA A 252 -16.76 -1.95 1.33
N TRP A 253 -17.07 -3.22 1.15
CA TRP A 253 -16.06 -4.26 1.10
C TRP A 253 -15.05 -4.04 -0.04
N ALA A 254 -15.53 -3.68 -1.23
CA ALA A 254 -14.67 -3.44 -2.37
C ALA A 254 -13.71 -2.28 -2.13
N ARG A 255 -14.22 -1.19 -1.56
CA ARG A 255 -13.35 -0.08 -1.22
C ARG A 255 -12.28 -0.52 -0.20
N GLU A 256 -12.70 -1.27 0.81
CA GLU A 256 -11.82 -1.71 1.88
C GLU A 256 -10.67 -2.59 1.40
N TYR A 257 -10.94 -3.49 0.45
CA TYR A 257 -9.87 -4.38 -0.03
C TYR A 257 -9.26 -4.00 -1.35
N GLY A 258 -9.58 -2.81 -1.86
CA GLY A 258 -8.99 -2.33 -3.11
C GLY A 258 -9.51 -2.97 -4.40
N VAL A 259 -10.77 -3.39 -4.40
CA VAL A 259 -11.39 -3.95 -5.60
C VAL A 259 -12.09 -2.88 -6.40
N PHE A 260 -12.00 -2.97 -7.72
CA PHE A 260 -12.71 -2.08 -8.61
C PHE A 260 -14.02 -2.79 -8.96
N LEU A 261 -15.06 -2.45 -8.20
CA LEU A 261 -16.41 -3.02 -8.37
C LEU A 261 -17.14 -2.33 -9.51
N VAL A 262 -17.56 -3.09 -10.50
CA VAL A 262 -18.12 -2.53 -11.71
C VAL A 262 -19.47 -3.10 -12.07
N ASP A 263 -20.22 -2.27 -12.78
CA ASP A 263 -21.55 -2.63 -13.28
C ASP A 263 -21.35 -3.57 -14.47
N PRO A 264 -21.82 -4.83 -14.36
CA PRO A 264 -21.64 -5.77 -15.46
C PRO A 264 -22.36 -5.32 -16.73
N GLY A 265 -23.30 -4.39 -16.59
CA GLY A 265 -24.03 -3.88 -17.74
C GLY A 265 -23.29 -2.81 -18.50
N ARG A 266 -22.09 -2.40 -18.06
CA ARG A 266 -21.36 -1.31 -18.72
C ARG A 266 -19.95 -1.68 -19.19
N PRO A 267 -19.46 -1.02 -20.24
CA PRO A 267 -18.06 -1.22 -20.63
C PRO A 267 -17.14 -0.69 -19.55
N LEU A 268 -15.98 -1.32 -19.41
CA LEU A 268 -15.04 -0.85 -18.39
C LEU A 268 -14.60 0.56 -18.64
N GLU A 269 -14.47 0.96 -19.91
CA GLU A 269 -14.09 2.36 -20.24
C GLU A 269 -15.01 3.40 -19.57
N GLU A 270 -16.30 3.10 -19.48
CA GLU A 270 -17.26 4.01 -18.87
C GLU A 270 -17.13 4.01 -17.36
N GLU A 271 -16.88 2.84 -16.79
CA GLU A 271 -16.71 2.74 -15.35
C GLU A 271 -15.44 3.50 -14.89
N VAL A 272 -14.39 3.45 -15.70
CA VAL A 272 -13.16 4.15 -15.36
C VAL A 272 -13.37 5.66 -15.49
N ALA A 273 -13.96 6.07 -16.60
CA ALA A 273 -14.34 7.47 -16.80
C ALA A 273 -15.16 8.05 -15.66
N SER A 274 -16.11 7.29 -15.12
CA SER A 274 -16.92 7.79 -13.98
C SER A 274 -16.08 8.03 -12.75
N LEU A 275 -15.12 7.16 -12.52
CA LEU A 275 -14.19 7.30 -11.41
C LEU A 275 -13.37 8.60 -11.48
N ILE A 276 -12.99 9.03 -12.69
CA ILE A 276 -12.12 10.20 -12.82
C ILE A 276 -12.85 11.50 -13.22
N LYS A 277 -14.14 11.41 -13.55
CA LYS A 277 -14.89 12.54 -14.14
C LYS A 277 -15.17 13.71 -13.18
N GLY A 278 -15.24 14.93 -13.74
CA GLY A 278 -15.74 16.10 -13.03
C GLY A 278 -14.83 16.73 -12.00
N LYS A 279 -13.55 16.39 -12.02
CA LYS A 279 -12.61 16.82 -10.98
C LYS A 279 -11.62 17.93 -11.38
N ALA A 280 -11.51 18.23 -12.68
CA ALA A 280 -10.45 19.13 -13.15
C ALA A 280 -10.33 20.37 -12.28
N SER A 281 -9.13 20.60 -11.74
CA SER A 281 -8.85 21.77 -10.94
C SER A 281 -8.51 22.91 -11.91
N LYS A 282 -8.95 24.12 -11.55
CA LYS A 282 -8.83 25.27 -12.43
C LYS A 282 -7.80 26.26 -11.96
N LYS A 283 -7.58 26.32 -10.65
CA LYS A 283 -6.79 27.35 -10.05
C LYS A 283 -5.41 26.90 -9.63
N ALA A 284 -4.49 27.86 -9.61
CA ALA A 284 -3.22 27.71 -8.94
C ALA A 284 -3.41 27.56 -7.44
N LEU A 285 -2.38 27.04 -6.78
CA LEU A 285 -2.38 26.97 -5.33
C LEU A 285 -2.16 28.34 -4.70
N PRO A 286 -2.89 28.64 -3.61
CA PRO A 286 -2.66 29.90 -2.87
C PRO A 286 -1.25 29.93 -2.33
N LEU A 287 -0.62 31.11 -2.35
CA LEU A 287 0.72 31.28 -1.78
C LEU A 287 0.65 31.07 -0.28
N PRO A 288 1.72 30.56 0.32
CA PRO A 288 1.72 30.29 1.73
C PRO A 288 1.84 31.58 2.54
N GLN A 289 1.17 31.60 3.69
CA GLN A 289 1.22 32.74 4.60
C GLN A 289 1.95 32.44 5.91
N GLU A 290 2.14 31.16 6.21
CA GLU A 290 2.55 30.73 7.53
C GLU A 290 3.36 29.44 7.40
N GLY A 291 4.49 29.34 8.09
CA GLY A 291 5.29 28.14 8.12
C GLY A 291 5.18 27.42 9.45
N PRO A 292 5.68 26.18 9.54
CA PRO A 292 6.26 25.43 8.41
C PRO A 292 5.21 24.94 7.40
N LEU A 293 5.68 24.62 6.21
CA LEU A 293 4.89 24.03 5.14
C LEU A 293 5.27 22.58 4.96
N LEU A 294 4.27 21.78 4.60
CA LEU A 294 4.49 20.41 4.13
C LEU A 294 3.87 20.28 2.76
N LEU A 295 4.68 19.82 1.80
CA LEU A 295 4.22 19.49 0.47
C LEU A 295 4.28 17.97 0.31
N ALA A 296 3.20 17.39 -0.19
CA ALA A 296 3.13 15.95 -0.36
C ALA A 296 2.15 15.55 -1.44
N LEU A 297 2.40 14.38 -2.04
N LEU A 297 2.38 14.37 -2.04
CA LEU A 297 1.44 13.71 -2.89
CA LEU A 297 1.36 13.74 -2.83
C LEU A 297 0.56 12.86 -1.96
C LEU A 297 0.50 12.90 -1.92
N VAL A 298 -0.60 12.39 -2.46
CA VAL A 298 -1.45 11.48 -1.72
C VAL A 298 -1.59 10.23 -2.56
N SER A 299 -1.34 9.09 -1.94
CA SER A 299 -1.46 7.81 -2.60
C SER A 299 -1.80 6.69 -1.60
N GLU A 300 -1.51 5.44 -1.92
CA GLU A 300 -2.09 4.32 -1.19
C GLU A 300 -1.59 4.25 0.26
N GLN A 301 -0.32 4.55 0.49
CA GLN A 301 0.19 4.41 1.87
C GLN A 301 0.01 5.67 2.67
N ALA A 302 -0.71 5.57 3.78
CA ALA A 302 -0.90 6.73 4.65
C ALA A 302 0.28 6.98 5.60
N VAL A 303 1.04 5.94 5.96
CA VAL A 303 2.07 6.11 7.00
C VAL A 303 3.12 7.19 6.67
N PRO A 304 3.64 7.24 5.42
CA PRO A 304 4.63 8.26 5.12
C PRO A 304 4.13 9.67 5.29
N LEU A 305 2.88 9.89 4.91
CA LEU A 305 2.27 11.19 5.09
C LEU A 305 2.12 11.52 6.57
N TYR A 306 1.74 10.53 7.35
CA TYR A 306 1.61 10.72 8.78
C TYR A 306 2.99 11.02 9.43
N ALA A 307 4.02 10.27 9.02
CA ALA A 307 5.36 10.54 9.50
C ALA A 307 5.77 11.94 9.17
N ALA A 308 5.47 12.38 7.96
CA ALA A 308 5.81 13.73 7.53
C ALA A 308 5.12 14.79 8.40
N TYR A 309 3.86 14.54 8.73
CA TYR A 309 3.12 15.40 9.66
C TYR A 309 3.82 15.45 11.04
N LEU A 310 4.20 14.29 11.58
CA LEU A 310 4.84 14.26 12.90
C LEU A 310 6.18 15.01 12.87
N HIS A 311 6.93 14.82 11.80
CA HIS A 311 8.24 15.48 11.66
C HIS A 311 8.13 16.99 11.44
N ALA A 312 7.29 17.40 10.50
CA ALA A 312 7.30 18.79 10.02
C ALA A 312 6.48 19.72 10.91
N GLY A 313 5.44 19.21 11.56
CA GLY A 313 4.50 20.04 12.34
C GLY A 313 4.05 21.25 11.54
N PRO A 314 3.46 21.02 10.35
CA PRO A 314 3.14 22.13 9.49
C PRO A 314 1.94 22.96 9.95
N ARG A 315 1.97 24.25 9.56
CA ARG A 315 0.82 25.11 9.69
CA ARG A 315 0.82 25.15 9.68
C ARG A 315 0.00 25.14 8.39
N GLU A 316 0.65 24.86 7.26
CA GLU A 316 -0.02 24.73 5.97
C GLU A 316 0.50 23.48 5.24
N VAL A 317 -0.41 22.76 4.61
CA VAL A 317 -0.07 21.58 3.87
C VAL A 317 -0.63 21.71 2.47
N TYR A 318 0.16 21.31 1.50
CA TYR A 318 -0.25 21.31 0.10
C TYR A 318 -0.26 19.89 -0.36
N LEU A 319 -1.42 19.41 -0.79
CA LEU A 319 -1.65 18.02 -1.13
C LEU A 319 -2.08 17.90 -2.59
N LEU A 320 -1.33 17.14 -3.39
CA LEU A 320 -1.66 16.91 -4.79
C LEU A 320 -1.88 15.46 -5.07
N THR A 321 -2.91 15.13 -5.84
CA THR A 321 -3.06 13.78 -6.33
C THR A 321 -3.96 13.73 -7.56
N THR A 322 -4.27 12.53 -7.99
CA THR A 322 -5.01 12.27 -9.19
C THR A 322 -6.48 12.11 -8.83
N PRO A 323 -7.35 12.29 -9.84
CA PRO A 323 -8.77 12.19 -9.55
C PRO A 323 -9.17 10.83 -9.04
N GLU A 324 -8.52 9.75 -9.49
CA GLU A 324 -8.81 8.42 -8.94
C GLU A 324 -8.43 8.23 -7.45
N GLU A 326 -9.33 10.60 -5.26
CA GLU A 326 -10.11 11.64 -4.61
CA GLU A 326 -10.15 11.63 -4.62
C GLU A 326 -10.48 11.29 -3.17
N SER A 327 -10.93 10.07 -2.90
CA SER A 327 -11.31 9.68 -1.53
C SER A 327 -10.15 9.87 -0.56
N ARG A 328 -8.99 9.37 -0.94
CA ARG A 328 -7.82 9.51 -0.05
C ARG A 328 -7.45 10.97 0.18
N LEU A 329 -7.57 11.79 -0.86
CA LEU A 329 -7.30 13.20 -0.71
C LEU A 329 -8.29 13.81 0.26
N ARG A 330 -9.57 13.46 0.12
CA ARG A 330 -10.63 13.98 1.01
C ARG A 330 -10.30 13.67 2.49
N TRP A 331 -9.90 12.43 2.76
CA TRP A 331 -9.59 12.00 4.14
CA TRP A 331 -9.66 12.09 4.17
C TRP A 331 -8.34 12.67 4.68
N ALA A 332 -7.36 12.88 3.80
CA ALA A 332 -6.13 13.57 4.21
C ALA A 332 -6.45 15.03 4.56
N GLU A 333 -7.23 15.67 3.69
CA GLU A 333 -7.67 17.05 3.96
C GLU A 333 -8.39 17.13 5.32
N ALA A 334 -9.29 16.19 5.59
CA ALA A 334 -10.07 16.22 6.83
C ALA A 334 -9.15 16.03 8.03
N PHE A 335 -8.17 15.13 7.88
CA PHE A 335 -7.22 14.88 8.93
C PHE A 335 -6.42 16.13 9.29
N PHE A 336 -5.88 16.79 8.27
CA PHE A 336 -5.06 17.96 8.50
C PHE A 336 -5.90 19.14 9.02
N ARG A 337 -7.10 19.33 8.46
CA ARG A 337 -7.98 20.37 9.01
C ARG A 337 -8.34 20.12 10.47
N GLY A 338 -8.54 18.86 10.84
CA GLY A 338 -8.84 18.48 12.23
C GLY A 338 -7.71 18.79 13.18
N LYS A 339 -6.48 18.84 12.67
CA LYS A 339 -5.29 19.16 13.44
C LYS A 339 -4.94 20.65 13.39
N GLY A 340 -5.86 21.47 12.88
CA GLY A 340 -5.68 22.92 12.81
C GLY A 340 -4.75 23.39 11.71
N VAL A 341 -4.49 22.53 10.72
CA VAL A 341 -3.56 22.85 9.65
C VAL A 341 -4.33 23.38 8.46
N ARG A 342 -3.88 24.48 7.86
CA ARG A 342 -4.52 24.97 6.63
C ARG A 342 -4.18 24.05 5.44
N VAL A 343 -5.18 23.58 4.74
CA VAL A 343 -5.00 22.63 3.64
C VAL A 343 -5.26 23.27 2.28
N HIS A 344 -4.33 23.06 1.34
CA HIS A 344 -4.53 23.39 -0.05
C HIS A 344 -4.37 22.11 -0.84
N ARG A 345 -5.25 21.88 -1.79
CA ARG A 345 -5.26 20.65 -2.54
C ARG A 345 -5.47 20.99 -3.97
N SER A 346 -4.98 20.15 -4.86
CA SER A 346 -5.33 20.25 -6.24
C SER A 346 -5.24 18.89 -6.88
N PHE A 347 -6.01 18.68 -7.94
CA PHE A 347 -5.92 17.47 -8.76
C PHE A 347 -4.97 17.65 -9.94
N LEU A 348 -4.17 16.61 -10.18
CA LEU A 348 -3.39 16.46 -11.42
C LEU A 348 -4.28 15.87 -12.49
N SER A 349 -3.96 16.13 -13.76
CA SER A 349 -4.66 15.53 -14.87
C SER A 349 -4.53 14.01 -14.83
N GLY A 350 -3.39 13.51 -14.38
CA GLY A 350 -3.23 12.06 -14.24
C GLY A 350 -1.91 11.72 -13.55
N PRO A 351 -1.66 10.42 -13.36
CA PRO A 351 -0.47 10.02 -12.60
C PRO A 351 0.84 10.25 -13.31
N TRP A 352 0.77 10.60 -14.60
CA TRP A 352 1.95 10.94 -15.39
C TRP A 352 2.35 12.38 -15.26
N ALA A 353 1.60 13.19 -14.52
CA ALA A 353 1.69 14.65 -14.67
C ALA A 353 2.80 15.30 -13.83
N LEU A 354 4.02 14.89 -14.10
CA LEU A 354 5.21 15.38 -13.45
C LEU A 354 5.29 16.90 -13.59
N ARG A 355 5.06 17.40 -14.80
CA ARG A 355 5.19 18.85 -15.01
C ARG A 355 4.12 19.68 -14.32
N GLU A 356 2.92 19.12 -14.19
CA GLU A 356 1.88 19.77 -13.41
C GLU A 356 2.26 19.90 -11.94
N VAL A 357 2.83 18.85 -11.35
CA VAL A 357 3.24 18.95 -9.96
C VAL A 357 4.30 20.05 -9.80
N ARG A 358 5.30 20.03 -10.67
CA ARG A 358 6.38 20.99 -10.64
C ARG A 358 5.83 22.41 -10.75
N ASP A 359 4.95 22.62 -11.71
CA ASP A 359 4.46 23.98 -11.99
C ASP A 359 3.48 24.47 -10.94
N LEU A 360 2.72 23.56 -10.35
CA LEU A 360 1.85 23.92 -9.25
C LEU A 360 2.65 24.28 -8.02
N LEU A 361 3.74 23.55 -7.74
CA LEU A 361 4.45 23.77 -6.49
C LEU A 361 5.62 24.74 -6.50
N ALA A 362 6.24 24.97 -7.66
CA ALA A 362 7.39 25.85 -7.74
C ALA A 362 7.13 27.23 -7.10
N PRO A 363 6.01 27.87 -7.44
CA PRO A 363 5.73 29.19 -6.86
C PRO A 363 5.51 29.17 -5.35
N VAL A 364 4.98 28.06 -4.83
CA VAL A 364 4.73 27.92 -3.41
C VAL A 364 6.08 27.81 -2.71
N VAL A 365 6.95 26.98 -3.24
CA VAL A 365 8.29 26.84 -2.70
C VAL A 365 9.03 28.19 -2.70
N GLU A 366 8.99 28.87 -3.83
CA GLU A 366 9.74 30.11 -3.99
C GLU A 366 9.23 31.18 -3.02
N GLU A 367 7.93 31.32 -2.91
CA GLU A 367 7.34 32.24 -1.94
C GLU A 367 7.70 31.84 -0.51
N ALA A 368 7.62 30.55 -0.19
CA ALA A 368 7.96 30.10 1.14
C ALA A 368 9.40 30.44 1.52
N LEU A 369 10.32 30.24 0.59
CA LEU A 369 11.73 30.46 0.85
C LEU A 369 12.04 31.95 0.95
N ARG A 370 11.28 32.76 0.22
CA ARG A 370 11.39 34.22 0.27
C ARG A 370 11.01 34.74 1.66
N ARG A 371 9.89 34.22 2.17
CA ARG A 371 9.36 34.61 3.46
C ARG A 371 9.98 33.90 4.65
N GLY A 372 10.93 33.02 4.42
CA GLY A 372 11.57 32.28 5.50
C GLY A 372 10.76 31.15 6.11
N HIS A 373 9.68 30.71 5.45
CA HIS A 373 8.91 29.53 5.93
C HIS A 373 9.71 28.25 5.64
N PRO A 374 9.97 27.43 6.67
CA PRO A 374 10.54 26.11 6.41
C PRO A 374 9.65 25.34 5.43
N VAL A 375 10.25 24.74 4.42
CA VAL A 375 9.50 23.98 3.42
C VAL A 375 9.90 22.53 3.48
N HIS A 376 8.98 21.68 3.93
CA HIS A 376 9.20 20.23 3.99
C HIS A 376 8.57 19.57 2.76
N ALA A 377 9.26 18.63 2.16
CA ALA A 377 8.73 17.95 1.01
C ALA A 377 8.88 16.47 1.24
N ASN A 378 7.76 15.77 1.28
CA ASN A 378 7.78 14.35 1.41
C ASN A 378 7.82 13.71 0.02
N LEU A 379 8.72 12.77 -0.20
CA LEU A 379 8.91 12.14 -1.49
C LEU A 379 8.46 10.66 -1.55
N ASN A 380 7.69 10.22 -0.57
CA ASN A 380 7.19 8.87 -0.52
C ASN A 380 6.03 8.54 -1.40
N SER A 381 5.19 9.53 -1.67
CA SER A 381 3.86 9.27 -2.23
C SER A 381 3.73 9.70 -3.70
N GLY A 382 2.63 9.25 -4.28
CA GLY A 382 2.40 9.35 -5.69
C GLY A 382 3.30 8.39 -6.44
N THR A 383 3.12 8.41 -7.75
CA THR A 383 3.95 7.66 -8.68
C THR A 383 5.34 8.30 -8.75
N THR A 384 6.29 7.63 -9.38
CA THR A 384 7.63 8.21 -9.51
C THR A 384 7.60 9.53 -10.27
N ALA A 385 6.77 9.59 -11.32
CA ALA A 385 6.54 10.83 -12.04
C ALA A 385 6.12 11.96 -11.13
N ALA A 387 6.33 12.23 -7.76
CA ALA A 387 7.35 12.52 -6.77
C ALA A 387 8.55 13.27 -7.34
N LEU A 388 9.00 12.86 -8.54
CA LEU A 388 10.04 13.62 -9.24
C LEU A 388 9.58 15.05 -9.55
N GLY A 389 8.31 15.21 -9.89
CA GLY A 389 7.75 16.54 -10.10
C GLY A 389 7.84 17.42 -8.90
N LEU A 390 7.57 16.82 -7.76
CA LEU A 390 7.69 17.55 -6.52
C LEU A 390 9.14 17.89 -6.27
N TYR A 391 10.04 16.94 -6.45
CA TYR A 391 11.46 17.22 -6.24
C TYR A 391 11.94 18.37 -7.15
N LEU A 392 11.45 18.41 -8.39
CA LEU A 392 11.88 19.42 -9.36
C LEU A 392 11.32 20.81 -9.06
N ALA A 393 10.29 20.87 -8.24
CA ALA A 393 9.76 22.12 -7.74
C ALA A 393 10.63 22.74 -6.65
N LEU A 394 11.47 21.92 -6.03
CA LEU A 394 12.23 22.38 -4.88
C LEU A 394 13.36 23.32 -5.31
N ARG A 395 13.82 24.12 -4.37
CA ARG A 395 14.99 24.98 -4.56
C ARG A 395 15.83 24.90 -3.30
N ASP A 396 17.08 25.31 -3.41
CA ASP A 396 18.01 25.32 -2.27
C ASP A 396 17.31 25.92 -1.04
N GLY A 397 17.39 25.23 0.09
CA GLY A 397 16.67 25.62 1.31
C GLY A 397 15.50 24.71 1.65
N ALA A 398 14.87 24.10 0.65
CA ALA A 398 13.80 23.14 0.90
C ALA A 398 14.35 21.92 1.64
N ARG A 399 13.48 21.30 2.42
CA ARG A 399 13.86 20.17 3.21
C ARG A 399 13.14 18.92 2.70
N ALA A 400 13.77 18.19 1.79
CA ALA A 400 13.17 16.95 1.25
C ALA A 400 13.53 15.70 2.05
N HIS A 401 12.53 14.81 2.22
CA HIS A 401 12.77 13.58 2.96
C HIS A 401 12.01 12.43 2.36
N TYR A 402 12.40 11.25 2.77
CA TYR A 402 11.77 10.02 2.35
C TYR A 402 11.78 9.08 3.53
N LEU A 403 10.59 8.67 3.99
CA LEU A 403 10.50 7.65 5.04
C LEU A 403 10.94 6.31 4.53
N ASP A 404 11.92 5.73 5.22
CA ASP A 404 12.37 4.39 4.92
C ASP A 404 12.08 3.53 6.14
N GLY A 405 10.87 2.96 6.19
CA GLY A 405 10.41 2.15 7.32
C GLY A 405 10.10 3.06 8.50
N ASP A 406 11.08 3.20 9.38
CA ASP A 406 10.92 3.95 10.64
C ASP A 406 11.73 5.24 10.83
N ARG A 407 12.51 5.64 9.83
CA ARG A 407 13.32 6.86 9.96
C ARG A 407 13.20 7.60 8.64
N LEU A 408 13.33 8.90 8.67
CA LEU A 408 13.34 9.67 7.47
C LEU A 408 14.76 9.79 6.95
N LEU A 409 14.92 9.48 5.68
CA LEU A 409 16.12 9.82 4.97
C LEU A 409 16.04 11.24 4.46
N LEU A 410 17.08 12.03 4.72
CA LEU A 410 17.14 13.39 4.23
C LEU A 410 17.85 13.34 2.89
N LEU A 411 17.25 13.97 1.88
CA LEU A 411 17.79 13.82 0.54
C LEU A 411 19.23 14.36 0.37
N ASP A 412 19.62 15.41 1.09
CA ASP A 412 21.00 15.90 1.03
C ASP A 412 21.97 15.24 2.02
N GLY A 413 21.52 14.20 2.72
CA GLY A 413 22.34 13.38 3.59
C GLY A 413 21.92 13.49 5.05
N GLY A 414 22.05 12.39 5.76
CA GLY A 414 21.62 12.27 7.13
C GLY A 414 20.21 11.67 7.22
N GLU A 415 19.78 11.43 8.45
CA GLU A 415 18.46 10.85 8.78
C GLU A 415 17.82 11.65 9.88
N ALA A 416 16.49 11.73 9.88
CA ALA A 416 15.76 12.32 11.00
C ALA A 416 15.00 11.27 11.76
N GLU A 417 15.23 11.22 13.06
CA GLU A 417 14.42 10.38 13.94
C GLU A 417 13.07 11.07 14.06
N VAL A 418 12.02 10.31 13.85
CA VAL A 418 10.65 10.82 13.89
C VAL A 418 10.16 10.79 15.32
N PRO A 419 9.40 11.80 15.76
CA PRO A 419 8.85 11.72 17.13
C PRO A 419 7.64 10.78 17.17
N TRP A 420 7.89 9.50 17.02
CA TRP A 420 6.80 8.55 16.87
C TRP A 420 5.96 8.48 18.14
N GLU A 421 6.55 8.83 19.29
CA GLU A 421 5.84 8.83 20.56
C GLU A 421 4.64 9.77 20.57
N GLU A 422 4.62 10.72 19.64
CA GLU A 422 3.47 11.62 19.45
C GLU A 422 2.39 11.08 18.55
N GLY A 423 2.64 9.91 17.98
CA GLY A 423 1.70 9.28 17.06
C GLY A 423 0.55 8.63 17.81
N ARG A 424 -0.57 8.49 17.12
CA ARG A 424 -1.75 7.81 17.68
C ARG A 424 -2.37 6.97 16.60
N PRO A 425 -2.72 5.71 16.92
CA PRO A 425 -3.27 4.88 15.89
C PRO A 425 -4.59 5.41 15.31
N GLU A 426 -5.39 6.10 16.12
CA GLU A 426 -6.65 6.63 15.65
C GLU A 426 -6.42 7.79 14.65
N ASP A 427 -5.30 8.52 14.78
CA ASP A 427 -4.99 9.61 13.85
C ASP A 427 -4.53 9.04 12.52
N LEU A 428 -3.64 8.06 12.56
CA LEU A 428 -3.25 7.39 11.34
C LEU A 428 -4.48 6.84 10.60
N LEU A 429 -5.35 6.17 11.34
CA LEU A 429 -6.54 5.58 10.74
C LEU A 429 -7.49 6.63 10.11
N ALA A 430 -7.63 7.77 10.76
CA ALA A 430 -8.39 8.89 10.21
C ALA A 430 -7.78 9.31 8.87
N LEU A 431 -6.46 9.45 8.85
CA LEU A 431 -5.77 9.88 7.63
C LEU A 431 -6.04 8.90 6.52
N ARG A 432 -6.11 7.63 6.88
CA ARG A 432 -6.38 6.57 5.96
C ARG A 432 -7.82 6.49 5.49
N GLY A 433 -8.74 7.12 6.19
CA GLY A 433 -10.15 7.03 5.81
C GLY A 433 -11.07 6.29 6.77
N TYR A 434 -10.65 6.14 8.03
CA TYR A 434 -11.47 5.39 9.00
C TYR A 434 -11.59 6.12 10.32
N ARG A 435 -12.76 6.06 10.93
CA ARG A 435 -12.92 6.53 12.32
C ARG A 435 -12.87 5.27 13.19
N PHE A 436 -11.88 5.20 14.07
CA PHE A 436 -11.77 4.05 14.96
C PHE A 436 -12.73 4.28 16.13
N GLU A 437 -13.83 3.53 16.18
CA GLU A 437 -14.79 3.66 17.30
C GLU A 437 -14.48 2.60 18.36
N GLU A 438 -13.84 3.06 19.43
CA GLU A 438 -13.39 2.18 20.50
C GLU A 438 -14.58 1.68 21.31
N GLU A 439 -14.54 0.40 21.63
CA GLU A 439 -15.54 -0.22 22.52
C GLU A 439 -15.23 0.00 24.00
N TYR A 440 -13.96 0.24 24.32
CA TYR A 440 -13.50 0.39 25.70
C TYR A 440 -12.54 1.58 25.84
N PRO A 441 -12.98 2.79 25.42
CA PRO A 441 -12.07 3.95 25.35
C PRO A 441 -11.37 4.32 26.65
N ASP A 442 -12.04 4.09 27.80
CA ASP A 442 -11.50 4.49 29.11
C ASP A 442 -10.73 3.40 29.85
N ALA A 443 -10.71 2.18 29.29
CA ALA A 443 -9.87 1.12 29.82
C ALA A 443 -8.41 1.54 29.80
N ARG A 444 -7.71 1.29 30.90
CA ARG A 444 -6.30 1.60 31.04
C ARG A 444 -5.71 0.45 31.83
N PRO A 445 -4.37 0.36 31.92
CA PRO A 445 -3.82 -0.74 32.71
C PRO A 445 -4.10 -0.52 34.19
N ASP A 446 -4.36 -1.62 34.91
CA ASP A 446 -4.69 -1.60 36.36
C ASP A 446 -4.33 -2.97 36.93
N PRO A 447 -3.34 -3.05 37.84
CA PRO A 447 -2.81 -4.35 38.32
C PRO A 447 -3.85 -5.33 38.84
N GLY A 448 -4.82 -4.82 39.60
CA GLY A 448 -5.83 -5.65 40.24
C GLY A 448 -6.84 -6.20 39.26
N LEU A 449 -7.27 -5.35 38.33
CA LEU A 449 -8.19 -5.79 37.28
C LEU A 449 -7.53 -6.80 36.32
N LEU A 450 -6.22 -6.65 36.11
CA LEU A 450 -5.45 -7.60 35.29
C LEU A 450 -5.34 -8.97 35.94
N ALA A 451 -5.13 -9.00 37.26
CA ALA A 451 -5.16 -10.26 38.04
C ALA A 451 -6.47 -11.02 37.86
N LEU A 452 -7.60 -10.31 37.97
CA LEU A 452 -8.91 -10.92 37.76
C LEU A 452 -9.00 -11.52 36.36
N ALA A 453 -8.81 -10.66 35.36
CA ALA A 453 -8.79 -11.11 33.98
C ALA A 453 -7.93 -12.36 33.82
N GLU A 454 -6.72 -12.33 34.37
CA GLU A 454 -5.82 -13.47 34.27
C GLU A 454 -6.34 -14.69 35.08
N GLU A 455 -7.01 -14.40 36.19
CA GLU A 455 -7.69 -15.44 36.97
C GLU A 455 -8.68 -16.16 36.08
N ILE A 456 -9.56 -15.40 35.46
CA ILE A 456 -10.56 -15.96 34.53
C ILE A 456 -9.90 -16.84 33.46
N LEU A 457 -8.76 -16.37 32.95
CA LEU A 457 -8.07 -17.06 31.87
C LEU A 457 -7.53 -18.43 32.29
N ARG A 458 -7.06 -18.57 33.53
CA ARG A 458 -6.70 -19.91 34.05
C ARG A 458 -7.89 -20.88 34.08
N ARG A 459 -9.08 -20.36 34.42
CA ARG A 459 -10.28 -21.20 34.64
C ARG A 459 -11.26 -21.16 33.47
N TRP A 460 -10.73 -21.11 32.25
CA TRP A 460 -11.57 -20.82 31.07
C TRP A 460 -12.74 -21.82 30.87
N ASP A 461 -12.64 -23.03 31.45
CA ASP A 461 -13.79 -23.95 31.53
C ASP A 461 -14.97 -23.30 32.28
N GLU A 462 -15.99 -22.85 31.54
CA GLU A 462 -16.98 -21.86 32.04
C GLU A 462 -18.45 -22.27 32.13
N VAL A 463 -19.16 -21.52 32.99
CA VAL A 463 -20.62 -21.55 33.06
C VAL A 463 -21.19 -20.59 32.02
N LEU A 472 -17.55 -14.24 39.73
CA LEU A 472 -16.19 -14.00 39.21
C LEU A 472 -16.16 -13.20 37.91
N VAL A 473 -16.80 -13.72 36.87
CA VAL A 473 -17.12 -12.90 35.70
C VAL A 473 -17.94 -11.69 36.16
N ARG A 474 -18.86 -11.90 37.11
CA ARG A 474 -19.62 -10.78 37.71
C ARG A 474 -18.71 -9.86 38.55
N ARG A 475 -17.71 -10.44 39.23
CA ARG A 475 -16.73 -9.67 40.00
C ARG A 475 -15.73 -8.92 39.09
N PHE A 476 -15.46 -9.46 37.90
CA PHE A 476 -14.62 -8.77 36.92
C PHE A 476 -15.37 -7.53 36.40
N LEU A 477 -16.56 -7.76 35.86
CA LEU A 477 -17.36 -6.67 35.34
C LEU A 477 -17.64 -5.56 36.35
N LYS A 478 -17.70 -5.91 37.64
CA LYS A 478 -17.93 -4.93 38.72
C LYS A 478 -16.71 -4.06 38.99
N PHE A 479 -15.52 -4.64 38.97
CA PHE A 479 -14.29 -3.85 39.13
C PHE A 479 -14.02 -2.98 37.87
N TRP A 480 -14.54 -3.42 36.72
CA TRP A 480 -14.44 -2.67 35.46
C TRP A 480 -15.28 -1.40 35.54
N LYS A 481 -16.52 -1.58 36.00
CA LYS A 481 -17.43 -0.48 36.33
C LYS A 481 -16.76 0.51 37.27
N LYS A 482 -16.19 -0.01 38.35
CA LYS A 482 -15.54 0.80 39.39
C LYS A 482 -14.39 1.65 38.82
N ARG A 483 -13.44 1.00 38.16
CA ARG A 483 -12.20 1.66 37.74
C ARG A 483 -12.34 2.52 36.46
N PHE A 484 -13.32 2.22 35.59
CA PHE A 484 -13.47 2.95 34.31
C PHE A 484 -14.82 3.61 34.09
N GLY A 485 -15.78 3.39 34.97
CA GLY A 485 -17.11 3.98 34.81
C GLY A 485 -17.97 3.35 33.72
N GLN A 486 -17.55 2.18 33.21
CA GLN A 486 -18.25 1.53 32.12
C GLN A 486 -19.07 0.34 32.62
N ALA A 487 -20.37 0.38 32.35
CA ALA A 487 -21.29 -0.71 32.70
C ALA A 487 -21.81 -1.34 31.43
N PHE A 488 -22.27 -2.58 31.53
CA PHE A 488 -22.84 -3.28 30.39
C PHE A 488 -24.25 -3.80 30.75
N PRO A 489 -25.22 -3.66 29.83
CA PRO A 489 -26.52 -4.27 30.09
C PRO A 489 -26.50 -5.80 29.91
N PRO A 490 -27.18 -6.54 30.81
CA PRO A 490 -27.32 -7.99 30.63
C PRO A 490 -28.00 -8.39 29.30
N ARG A 495 -21.97 -11.27 25.18
CA ARG A 495 -21.00 -10.80 24.19
C ARG A 495 -19.61 -10.47 24.79
N LEU A 496 -19.49 -10.46 26.12
CA LEU A 496 -18.25 -10.04 26.80
C LEU A 496 -17.27 -11.16 27.14
N LYS A 497 -17.44 -12.34 26.54
CA LYS A 497 -16.58 -13.50 26.85
C LYS A 497 -15.12 -13.30 26.46
N GLY A 498 -14.88 -12.53 25.39
CA GLY A 498 -13.54 -12.26 24.89
C GLY A 498 -12.82 -11.17 25.64
N LEU A 499 -13.54 -10.43 26.48
CA LEU A 499 -13.00 -9.26 27.20
C LEU A 499 -11.79 -9.54 28.12
N PRO A 500 -11.81 -10.67 28.85
CA PRO A 500 -10.64 -10.98 29.68
C PRO A 500 -9.33 -11.13 28.89
N LEU A 501 -9.36 -11.90 27.80
CA LEU A 501 -8.17 -12.06 26.96
C LEU A 501 -7.76 -10.71 26.31
N GLU A 502 -8.75 -9.96 25.82
CA GLU A 502 -8.52 -8.63 25.21
C GLU A 502 -7.89 -7.65 26.17
N TYR A 503 -8.36 -7.63 27.42
CA TYR A 503 -7.79 -6.73 28.42
C TYR A 503 -6.38 -7.13 28.82
N ALA A 504 -6.16 -8.43 28.98
CA ALA A 504 -4.81 -8.94 29.26
C ALA A 504 -3.84 -8.64 28.13
N VAL A 505 -4.28 -8.84 26.90
CA VAL A 505 -3.39 -8.60 25.77
C VAL A 505 -3.06 -7.11 25.71
N TYR A 506 -4.07 -6.25 25.78
CA TYR A 506 -3.87 -4.81 25.82
C TYR A 506 -2.94 -4.36 26.94
N SER A 507 -3.08 -4.96 28.12
CA SER A 507 -2.29 -4.54 29.26
C SER A 507 -0.83 -4.84 29.05
N HIS A 508 -0.52 -6.05 28.61
CA HIS A 508 0.87 -6.42 28.40
C HIS A 508 1.45 -5.70 27.16
N LEU A 509 0.62 -5.41 26.16
CA LEU A 509 1.12 -4.61 25.02
C LEU A 509 1.52 -3.24 25.47
N ASN A 510 0.65 -2.64 26.27
CA ASN A 510 0.88 -1.31 26.76
C ASN A 510 2.14 -1.22 27.63
N ALA A 511 2.36 -2.21 28.49
CA ALA A 511 3.58 -2.24 29.31
C ALA A 511 4.81 -2.38 28.43
N HIS A 512 4.72 -3.19 27.39
CA HIS A 512 5.85 -3.37 26.50
C HIS A 512 6.12 -2.13 25.62
N LEU A 513 5.07 -1.46 25.15
CA LEU A 513 5.20 -0.39 24.16
C LEU A 513 5.40 1.03 24.75
N ALA A 514 4.63 1.37 25.77
CA ALA A 514 4.68 2.71 26.35
C ALA A 514 6.12 3.17 26.67
N PRO A 515 6.90 2.37 27.42
CA PRO A 515 8.31 2.73 27.62
C PRO A 515 9.02 3.14 26.33
N LYS A 516 8.68 2.49 25.20
CA LYS A 516 9.34 2.71 23.92
C LYS A 516 8.62 3.71 23.00
N GLY A 517 7.64 4.46 23.51
CA GLY A 517 6.94 5.46 22.72
C GLY A 517 5.80 4.95 21.82
N GLY A 518 5.42 3.68 21.98
CA GLY A 518 4.33 3.09 21.20
C GLY A 518 2.99 3.32 21.88
N GLN A 519 1.92 3.23 21.12
CA GLN A 519 0.57 3.45 21.64
C GLN A 519 -0.29 2.19 21.39
N ALA A 520 -0.92 1.68 22.44
CA ALA A 520 -1.84 0.53 22.34
C ALA A 520 -3.27 0.92 22.71
N ARG A 521 -4.22 0.25 22.07
CA ARG A 521 -5.63 0.49 22.27
C ARG A 521 -6.36 -0.84 22.30
N GLY A 523 -10.17 -2.85 21.54
CA GLY A 523 -10.87 -3.10 20.31
C GLY A 523 -11.97 -2.13 19.96
N GLY A 524 -12.55 -2.37 18.80
CA GLY A 524 -13.65 -1.56 18.35
C GLY A 524 -13.91 -1.71 16.86
N HIS A 525 -14.49 -0.68 16.29
CA HIS A 525 -14.99 -0.73 14.93
C HIS A 525 -14.20 0.24 14.08
N LEU A 526 -13.73 -0.23 12.93
CA LEU A 526 -13.11 0.64 11.93
C LEU A 526 -14.22 1.09 10.99
N VAL A 527 -14.70 2.31 11.19
CA VAL A 527 -15.81 2.82 10.41
C VAL A 527 -15.33 3.70 9.26
N PRO A 528 -15.56 3.28 8.01
CA PRO A 528 -15.17 4.14 6.89
C PRO A 528 -15.80 5.51 7.02
N LEU A 529 -15.06 6.55 6.68
CA LEU A 529 -15.58 7.91 6.80
C LEU A 529 -16.55 8.21 5.66
N THR A 540 -16.02 -3.40 9.96
CA THR A 540 -14.96 -4.32 10.40
C THR A 540 -14.62 -4.08 11.88
N GLU A 541 -14.48 -5.19 12.62
CA GLU A 541 -14.23 -5.15 14.06
C GLU A 541 -12.83 -5.60 14.33
N VAL A 542 -12.19 -5.00 15.32
CA VAL A 542 -10.91 -5.51 15.77
C VAL A 542 -10.89 -5.64 17.29
N ASP A 543 -10.01 -6.50 17.80
CA ASP A 543 -9.86 -6.72 19.25
C ASP A 543 -8.81 -5.84 19.92
N GLY A 544 -8.03 -5.14 19.10
CA GLY A 544 -7.05 -4.22 19.60
C GLY A 544 -6.28 -3.58 18.44
N VAL A 545 -5.61 -2.49 18.72
CA VAL A 545 -4.75 -1.87 17.73
CA VAL A 545 -4.80 -1.76 17.73
C VAL A 545 -3.61 -1.16 18.44
N PHE A 546 -2.42 -1.24 17.83
CA PHE A 546 -1.30 -0.47 18.33
C PHE A 546 -0.46 0.08 17.19
N PHE A 547 0.23 1.18 17.48
CA PHE A 547 1.10 1.84 16.51
C PHE A 547 2.50 1.93 17.11
N HIS A 548 3.51 1.47 16.36
CA HIS A 548 4.87 1.58 16.85
C HIS A 548 5.81 1.85 15.70
N ARG A 549 6.40 3.05 15.69
CA ARG A 549 7.49 3.39 14.77
C ARG A 549 7.21 3.23 13.26
N GLY A 550 6.01 3.58 12.79
CA GLY A 550 5.72 3.51 11.33
C GLY A 550 5.09 2.21 10.84
N ALA A 551 4.64 1.40 11.81
CA ALA A 551 3.83 0.22 11.50
C ALA A 551 2.61 0.20 12.40
N LEU A 552 1.44 0.10 11.77
CA LEU A 552 0.19 -0.13 12.49
C LEU A 552 -0.03 -1.63 12.65
N TRP A 553 -0.57 -2.02 13.81
CA TRP A 553 -0.86 -3.42 14.10
C TRP A 553 -2.32 -3.54 14.53
N PHE A 554 -3.01 -4.52 13.97
CA PHE A 554 -4.33 -4.91 14.43
C PHE A 554 -4.18 -6.20 15.23
N VAL A 555 -4.97 -6.32 16.28
CA VAL A 555 -4.88 -7.45 17.19
C VAL A 555 -6.16 -8.29 17.08
N GLU A 556 -5.98 -9.61 17.01
CA GLU A 556 -7.14 -10.54 17.06
C GLU A 556 -6.90 -11.48 18.22
N CYS A 557 -7.91 -11.62 19.09
CA CYS A 557 -7.84 -12.41 20.31
C CYS A 557 -8.89 -13.52 20.28
N LYS A 558 -8.45 -14.76 20.42
CA LYS A 558 -9.34 -15.92 20.34
C LYS A 558 -9.03 -16.93 21.45
N PRO A 559 -10.04 -17.73 21.85
CA PRO A 559 -9.75 -18.77 22.85
C PRO A 559 -8.73 -19.80 22.37
N THR A 560 -8.81 -20.17 21.10
CA THR A 560 -7.96 -21.22 20.54
C THR A 560 -7.33 -20.78 19.21
N ASP A 561 -6.27 -21.50 18.80
CA ASP A 561 -5.71 -21.42 17.45
C ASP A 561 -6.76 -21.55 16.34
N GLU A 562 -7.92 -22.11 16.67
CA GLU A 562 -8.98 -22.36 15.70
C GLU A 562 -9.66 -21.06 15.23
N GLY A 563 -9.91 -20.14 16.15
CA GLY A 563 -10.50 -18.85 15.80
C GLY A 563 -9.53 -18.03 14.94
N LEU A 564 -8.25 -18.15 15.27
CA LEU A 564 -7.19 -17.44 14.56
C LEU A 564 -6.98 -17.99 13.15
N ARG A 565 -7.00 -19.31 12.99
CA ARG A 565 -6.91 -19.93 11.66
C ARG A 565 -8.02 -19.44 10.74
N GLU A 566 -9.24 -19.37 11.26
CA GLU A 566 -10.42 -18.96 10.49
C GLU A 566 -10.35 -17.47 10.12
N ARG A 567 -9.73 -16.69 10.99
CA ARG A 567 -9.66 -15.25 10.79
C ARG A 567 -8.49 -14.81 9.91
N ALA A 568 -7.45 -15.63 9.83
CA ALA A 568 -6.18 -15.23 9.20
C ALA A 568 -6.29 -14.71 7.75
N PRO A 569 -7.07 -15.39 6.89
CA PRO A 569 -7.16 -14.92 5.51
C PRO A 569 -7.70 -13.49 5.39
N ILE A 570 -8.78 -13.19 6.11
CA ILE A 570 -9.36 -11.85 6.08
C ILE A 570 -8.46 -10.87 6.83
N ALA A 572 -5.23 -10.85 7.12
CA ALA A 572 -4.03 -10.51 6.33
C ALA A 572 -4.34 -9.40 5.31
N GLU A 573 -5.55 -9.46 4.74
CA GLU A 573 -5.95 -8.46 3.74
C GLU A 573 -6.36 -7.16 4.39
N LEU A 574 -7.02 -7.24 5.55
CA LEU A 574 -7.37 -6.03 6.29
C LEU A 574 -6.09 -5.30 6.71
N VAL A 575 -5.13 -6.06 7.21
CA VAL A 575 -3.86 -5.48 7.65
C VAL A 575 -3.18 -4.78 6.47
N ARG A 576 -3.10 -5.48 5.34
CA ARG A 576 -2.45 -4.94 4.15
C ARG A 576 -3.14 -3.70 3.64
N SER A 577 -4.45 -3.77 3.47
CA SER A 577 -5.19 -2.71 2.80
CA SER A 577 -5.19 -2.71 2.80
C SER A 577 -5.39 -1.50 3.69
N VAL A 578 -5.85 -1.72 4.91
CA VAL A 578 -6.19 -0.63 5.80
C VAL A 578 -4.98 -0.19 6.65
N GLY A 579 -4.20 -1.15 7.14
CA GLY A 579 -3.01 -0.82 7.94
C GLY A 579 -1.87 -0.30 7.07
N GLY A 580 -1.70 -0.91 5.90
CA GLY A 580 -0.65 -0.47 4.98
C GLY A 580 0.39 -1.54 4.77
N VAL A 581 1.32 -1.23 3.89
CA VAL A 581 2.30 -2.19 3.44
C VAL A 581 3.21 -2.69 4.56
N GLU A 582 3.44 -1.87 5.57
CA GLU A 582 4.32 -2.27 6.67
C GLU A 582 3.50 -2.74 7.87
N ALA A 583 2.18 -2.80 7.74
CA ALA A 583 1.33 -3.13 8.88
C ALA A 583 1.40 -4.63 9.17
N ARG A 584 1.06 -5.00 10.40
CA ARG A 584 1.04 -6.41 10.78
C ARG A 584 -0.19 -6.71 11.60
N GLY A 585 -0.47 -8.00 11.74
CA GLY A 585 -1.59 -8.44 12.57
C GLY A 585 -1.02 -9.32 13.68
N LEU A 586 -1.40 -9.03 14.91
CA LEU A 586 -0.99 -9.84 16.05
C LEU A 586 -2.15 -10.79 16.38
N VAL A 588 -3.45 -13.62 18.80
CA VAL A 588 -3.19 -14.16 20.14
C VAL A 588 -4.27 -15.13 20.57
N ALA A 589 -3.84 -16.34 20.92
CA ALA A 589 -4.75 -17.38 21.45
C ALA A 589 -4.50 -17.58 22.95
N ARG A 590 -5.59 -17.77 23.70
CA ARG A 590 -5.45 -18.23 25.09
C ARG A 590 -4.68 -19.55 25.11
N ARG A 591 -5.14 -20.50 24.28
CA ARG A 591 -4.52 -21.82 24.18
C ARG A 591 -4.24 -22.23 22.73
N TRP A 592 -2.96 -22.45 22.40
CA TRP A 592 -2.61 -23.03 21.11
C TRP A 592 -2.51 -24.54 21.23
N ARG A 593 -3.12 -25.25 20.28
CA ARG A 593 -3.09 -26.73 20.24
C ARG A 593 -2.45 -27.29 18.98
N GLY A 594 -3.12 -27.13 17.84
CA GLY A 594 -2.82 -27.88 16.62
C GLY A 594 -1.47 -27.66 15.95
N ALA A 595 -1.45 -27.78 14.63
CA ALA A 595 -0.22 -27.60 13.85
C ALA A 595 0.35 -26.19 14.01
N PRO A 596 1.59 -25.97 13.52
CA PRO A 596 2.08 -24.60 13.37
C PRO A 596 1.07 -23.72 12.62
N PRO A 597 1.09 -22.39 12.86
CA PRO A 597 0.18 -21.48 12.14
C PRO A 597 0.44 -21.48 10.63
N PRO A 598 -0.59 -21.14 9.83
CA PRO A 598 -0.39 -21.10 8.38
C PRO A 598 0.57 -19.97 7.99
N ALA A 599 1.28 -20.13 6.89
CA ALA A 599 2.25 -19.13 6.44
C ALA A 599 1.52 -17.80 6.29
N SER A 600 2.02 -16.77 6.98
CA SER A 600 1.36 -15.47 6.97
C SER A 600 2.47 -14.41 7.03
N PRO A 601 2.85 -13.86 5.87
CA PRO A 601 3.91 -12.84 5.83
C PRO A 601 3.67 -11.60 6.70
N ASN A 602 2.40 -11.23 6.92
CA ASN A 602 2.13 -10.04 7.73
C ASN A 602 1.43 -10.31 9.05
N LEU A 603 1.31 -11.58 9.45
CA LEU A 603 0.73 -11.89 10.77
C LEU A 603 1.76 -12.53 11.69
N VAL A 604 1.59 -12.32 12.99
CA VAL A 604 2.46 -12.89 14.03
C VAL A 604 1.52 -13.64 15.00
N TYR A 605 1.88 -14.87 15.33
CA TYR A 605 1.03 -15.75 16.14
C TYR A 605 1.63 -15.93 17.53
N ALA A 607 0.63 -16.99 21.94
CA ALA A 607 -0.28 -17.69 22.83
C ALA A 607 0.12 -17.58 24.30
N LEU A 608 -0.90 -17.50 25.16
CA LEU A 608 -0.68 -17.48 26.60
C LEU A 608 -0.12 -18.83 27.05
N GLU A 609 -0.73 -19.91 26.56
CA GLU A 609 -0.18 -21.26 26.74
C GLU A 609 -0.19 -22.04 25.42
N GLY A 610 0.77 -22.94 25.28
CA GLY A 610 0.79 -23.87 24.15
C GLY A 610 1.61 -23.38 22.98
N GLY A 611 1.75 -24.25 21.98
CA GLY A 611 2.46 -23.90 20.76
C GLY A 611 3.97 -23.69 20.88
N GLU A 612 4.57 -23.99 22.04
CA GLU A 612 6.02 -24.03 22.12
C GLU A 612 6.46 -25.03 21.07
N GLY A 613 7.50 -24.69 20.32
CA GLY A 613 8.05 -25.62 19.33
C GLY A 613 7.17 -25.88 18.11
N VAL A 614 6.22 -24.98 17.82
CA VAL A 614 5.56 -24.97 16.51
C VAL A 614 5.52 -23.55 15.95
N GLY A 615 6.53 -22.74 16.31
CA GLY A 615 6.65 -21.37 15.80
C GLY A 615 5.89 -20.31 16.59
N VAL A 616 4.94 -20.74 17.42
CA VAL A 616 4.06 -19.82 18.11
C VAL A 616 4.80 -19.25 19.30
N TYR A 617 4.78 -17.93 19.45
CA TYR A 617 5.47 -17.28 20.53
C TYR A 617 4.60 -17.26 21.78
N ARG A 618 5.25 -17.08 22.92
CA ARG A 618 4.59 -17.09 24.20
C ARG A 618 4.25 -15.65 24.60
N PHE A 619 2.98 -15.41 24.87
CA PHE A 619 2.52 -14.09 25.29
C PHE A 619 2.32 -14.13 26.80
N PRO A 620 2.84 -13.16 27.55
CA PRO A 620 3.50 -11.95 27.06
C PRO A 620 5.02 -12.00 27.09
N GLU A 621 5.59 -13.11 27.58
CA GLU A 621 7.05 -13.19 27.85
C GLU A 621 7.88 -12.92 26.60
N GLU A 622 7.46 -13.49 25.48
CA GLU A 622 8.21 -13.39 24.24
C GLU A 622 7.71 -12.30 23.28
N LEU A 623 7.08 -11.23 23.80
CA LEU A 623 6.66 -10.11 22.98
C LEU A 623 7.83 -9.52 22.19
N GLU A 624 8.87 -9.08 22.89
CA GLU A 624 10.08 -8.57 22.25
C GLU A 624 10.53 -9.48 21.09
N LYS A 625 10.67 -10.75 21.40
CA LYS A 625 11.12 -11.76 20.44
C LYS A 625 10.18 -11.86 19.24
N ALA A 626 8.88 -11.85 19.49
CA ALA A 626 7.86 -11.98 18.44
C ALA A 626 7.77 -10.74 17.53
N LEU A 627 7.74 -9.55 18.13
CA LEU A 627 7.64 -8.31 17.37
C LEU A 627 8.92 -7.94 16.59
N SER A 628 10.06 -8.60 16.87
CA SER A 628 11.31 -8.31 16.15
C SER A 628 11.92 -9.50 15.39
N ARG A 629 11.18 -10.60 15.26
CA ARG A 629 11.62 -11.72 14.41
C ARG A 629 11.73 -11.24 12.97
N ASN A 630 10.68 -10.55 12.51
CA ASN A 630 10.68 -9.79 11.24
C ASN A 630 10.26 -8.36 11.58
N PRO A 631 11.23 -7.48 11.91
CA PRO A 631 10.90 -6.15 12.44
C PRO A 631 9.93 -5.33 11.55
N ALA A 632 8.97 -4.66 12.18
CA ALA A 632 8.00 -3.81 11.49
C ALA A 632 8.19 -2.40 12.03
N PRO A 633 8.30 -1.39 11.16
CA PRO A 633 8.30 -1.51 9.68
C PRO A 633 9.66 -1.92 9.13
N ARG A 634 9.71 -2.42 7.89
CA ARG A 634 10.97 -2.84 7.28
C ARG A 634 11.74 -1.62 6.80
N ARG A 635 13.06 -1.65 6.97
CA ARG A 635 13.94 -0.64 6.35
C ARG A 635 14.45 -1.20 5.04
N GLY A 636 14.18 -0.51 3.94
CA GLY A 636 14.56 -1.01 2.62
C GLY A 636 15.87 -0.49 2.07
N LEU A 637 16.38 0.60 2.65
CA LEU A 637 17.44 1.35 2.01
C LEU A 637 18.65 1.58 2.91
N GLU A 638 18.85 0.69 3.88
CA GLU A 638 20.06 0.72 4.72
C GLU A 638 21.30 0.35 3.91
#